data_8BFY
#
_entry.id   8BFY
#
_cell.length_a   59.390
_cell.length_b   39.430
_cell.length_c   79.640
_cell.angle_alpha   90.000
_cell.angle_beta   92.380
_cell.angle_gamma   90.000
#
_symmetry.space_group_name_H-M   'P 1 21 1'
#
loop_
_entity.id
_entity.type
_entity.pdbx_description
1 polymer 'Putative secreted cellobiose-binding (Transport system associated)'
2 branched beta-D-glucopyranose-(1-4)-beta-D-glucopyranose-(1-4)-beta-D-glucopyranose
3 non-polymer GLYCEROL
4 non-polymer 'CITRIC ACID'
5 water water
#
_entity_poly.entity_id   1
_entity_poly.type   'polypeptide(L)'
_entity_poly.pdbx_seq_one_letter_code
;HHHHHHSSGLVPRGSHDDGKDEEGGSSDGGGGGKTKITLGLFGTAGFEESGLYKEYEKLHPDVDIQQTVVERNENYYPAL
LNHLTTGSGLQDIQMVEVGNIAEIVGTQSDKLLDLSKYGKESDYLPWKWSQGSTSGGQTVALGTDVGPMAICYRKDLFEA
AGLPSDREEVGKLWTGSWDKFVDAGNQYKKKAPKGTTFLDSPGGLLQAILSSEKDRFYDASGKVIYKTNPAVKSAFDLTA
KAAKAGLVGNQTQFQPAWDTTIANSKFAAMSCPPWMLGYIKGKSKPEAAGKWDIAQAPKSGNWGGSFLSVPKNGKNAEEA
AKLAAWLTAPEQQAKLFAVQGSFPSTPAAYDSAAVKDAKNDMTGDAPIGTIFAEAAKNIPVQTIGPKDQIIQQGLTDNGV
ILVTQGKSASDAWKNAVKTIDNALDK
;
_entity_poly.pdbx_strand_id   A
#
# COMPACT_ATOMS: atom_id res chain seq x y z
N LYS A 34 -3.31 2.11 -32.80
CA LYS A 34 -2.06 2.23 -33.59
C LYS A 34 -1.03 3.07 -32.87
N THR A 35 -1.43 3.92 -31.91
CA THR A 35 -0.48 4.54 -31.00
C THR A 35 -0.35 3.70 -29.73
N LYS A 36 0.85 3.14 -29.49
CA LYS A 36 1.08 2.33 -28.30
C LYS A 36 1.51 3.25 -27.14
N ILE A 37 0.75 3.16 -26.04
CA ILE A 37 1.06 3.84 -24.79
C ILE A 37 1.38 2.76 -23.75
N THR A 38 2.59 2.80 -23.19
CA THR A 38 3.01 1.82 -22.22
CA THR A 38 3.02 1.78 -22.22
C THR A 38 3.12 2.42 -20.83
N LEU A 39 2.60 1.73 -19.83
CA LEU A 39 2.74 2.13 -18.44
C LEU A 39 3.78 1.22 -17.79
N GLY A 40 4.68 1.86 -17.05
CA GLY A 40 5.64 1.17 -16.21
C GLY A 40 5.14 1.22 -14.79
N LEU A 41 4.82 0.04 -14.26
CA LEU A 41 4.18 -0.09 -12.97
C LEU A 41 5.01 -0.97 -12.04
N PHE A 42 4.60 -0.96 -10.77
CA PHE A 42 5.04 -1.97 -9.80
C PHE A 42 3.82 -2.56 -9.11
N GLY A 43 4.06 -3.63 -8.36
CA GLY A 43 2.99 -4.19 -7.55
C GLY A 43 1.82 -4.64 -8.41
N THR A 44 0.61 -4.40 -7.87
CA THR A 44 -0.64 -4.71 -8.54
C THR A 44 -1.50 -3.44 -8.57
N ALA A 45 -1.22 -2.58 -9.54
CA ALA A 45 -1.90 -1.30 -9.62
C ALA A 45 -3.41 -1.48 -9.77
N GLY A 46 -3.81 -2.48 -10.59
CA GLY A 46 -5.20 -2.83 -10.77
C GLY A 46 -5.90 -2.24 -11.99
N PHE A 47 -5.22 -1.44 -12.81
CA PHE A 47 -5.85 -0.77 -13.94
C PHE A 47 -6.35 -1.81 -14.95
N GLU A 48 -5.49 -2.77 -15.28
CA GLU A 48 -5.82 -3.78 -16.27
C GLU A 48 -6.98 -4.65 -15.77
N GLU A 49 -6.87 -5.10 -14.52
CA GLU A 49 -7.86 -6.02 -13.94
C GLU A 49 -9.25 -5.38 -13.81
N SER A 50 -9.28 -4.05 -13.70
CA SER A 50 -10.48 -3.28 -13.51
C SER A 50 -11.18 -2.96 -14.84
N GLY A 51 -10.58 -3.37 -15.95
CA GLY A 51 -11.11 -3.13 -17.29
C GLY A 51 -10.86 -1.72 -17.83
N LEU A 52 -10.01 -0.95 -17.15
CA LEU A 52 -9.82 0.46 -17.49
C LEU A 52 -9.12 0.63 -18.84
N TYR A 53 -8.18 -0.26 -19.19
CA TYR A 53 -7.54 -0.15 -20.49
C TYR A 53 -8.55 -0.43 -21.61
N LYS A 54 -9.42 -1.44 -21.41
CA LYS A 54 -10.45 -1.76 -22.40
C LYS A 54 -11.42 -0.59 -22.59
N GLU A 55 -11.85 0.02 -21.47
CA GLU A 55 -12.75 1.16 -21.52
CA GLU A 55 -12.76 1.16 -21.51
C GLU A 55 -12.12 2.28 -22.32
N TYR A 56 -10.85 2.57 -22.04
CA TYR A 56 -10.19 3.68 -22.72
C TYR A 56 -10.06 3.43 -24.22
N GLU A 57 -9.75 2.18 -24.59
CA GLU A 57 -9.54 1.82 -25.99
C GLU A 57 -10.87 1.86 -26.75
N LYS A 58 -11.99 1.66 -26.05
CA LYS A 58 -13.30 1.91 -26.65
C LYS A 58 -13.51 3.39 -26.94
N LEU A 59 -13.14 4.26 -25.99
CA LEU A 59 -13.28 5.71 -26.19
C LEU A 59 -12.31 6.18 -27.27
N HIS A 60 -11.13 5.54 -27.36
CA HIS A 60 -10.04 5.98 -28.21
C HIS A 60 -9.47 4.79 -28.98
N PRO A 61 -10.17 4.35 -30.05
CA PRO A 61 -9.78 3.14 -30.79
C PRO A 61 -8.40 3.20 -31.43
N ASP A 62 -7.83 4.41 -31.52
CA ASP A 62 -6.52 4.61 -32.11
C ASP A 62 -5.40 4.38 -31.09
N VAL A 63 -5.74 4.03 -29.84
CA VAL A 63 -4.78 3.84 -28.77
C VAL A 63 -4.69 2.37 -28.38
N ASP A 64 -3.45 1.89 -28.25
CA ASP A 64 -3.14 0.54 -27.76
C ASP A 64 -2.35 0.65 -26.45
N ILE A 65 -2.97 0.30 -25.32
CA ILE A 65 -2.34 0.41 -24.02
C ILE A 65 -1.64 -0.90 -23.68
N GLN A 66 -0.38 -0.80 -23.24
CA GLN A 66 0.35 -1.95 -22.74
C GLN A 66 0.94 -1.55 -21.39
N GLN A 67 1.35 -2.55 -20.61
CA GLN A 67 2.04 -2.28 -19.36
C GLN A 67 3.20 -3.24 -19.18
N THR A 68 4.16 -2.80 -18.39
CA THR A 68 5.27 -3.61 -17.94
C THR A 68 5.31 -3.44 -16.42
N VAL A 69 5.51 -4.55 -15.71
CA VAL A 69 5.41 -4.56 -14.26
C VAL A 69 6.67 -5.14 -13.65
N VAL A 70 7.25 -4.40 -12.70
CA VAL A 70 8.26 -4.90 -11.82
C VAL A 70 7.57 -5.14 -10.49
N GLU A 71 7.52 -6.40 -10.07
CA GLU A 71 6.69 -6.81 -8.95
C GLU A 71 6.95 -5.99 -7.70
N ARG A 72 8.21 -5.87 -7.27
CA ARG A 72 8.54 -5.22 -6.01
C ARG A 72 9.04 -3.80 -6.25
N ASN A 73 8.52 -2.84 -5.48
CA ASN A 73 8.98 -1.47 -5.55
C ASN A 73 10.47 -1.38 -5.28
N GLU A 74 11.00 -2.26 -4.42
CA GLU A 74 12.44 -2.32 -4.14
C GLU A 74 13.25 -2.37 -5.43
N ASN A 75 12.81 -3.14 -6.41
CA ASN A 75 13.52 -3.36 -7.67
C ASN A 75 13.12 -2.28 -8.69
N TYR A 76 11.85 -1.86 -8.64
CA TYR A 76 11.31 -0.89 -9.59
C TYR A 76 11.96 0.48 -9.47
N TYR A 77 12.08 0.97 -8.24
CA TYR A 77 12.35 2.38 -8.04
C TYR A 77 13.77 2.76 -8.44
N PRO A 78 14.82 2.00 -8.05
CA PRO A 78 16.17 2.41 -8.48
C PRO A 78 16.32 2.44 -10.00
N ALA A 79 15.61 1.53 -10.69
CA ALA A 79 15.57 1.53 -12.15
C ALA A 79 14.88 2.78 -12.67
N LEU A 80 13.71 3.13 -12.11
CA LEU A 80 13.03 4.37 -12.50
C LEU A 80 13.98 5.56 -12.39
N LEU A 81 14.68 5.67 -11.25
CA LEU A 81 15.51 6.84 -11.00
C LEU A 81 16.62 6.93 -12.06
N ASN A 82 17.23 5.77 -12.38
CA ASN A 82 18.31 5.72 -13.37
C ASN A 82 17.78 6.07 -14.75
N HIS A 83 16.59 5.57 -15.08
CA HIS A 83 15.96 5.87 -16.35
C HIS A 83 15.64 7.35 -16.49
N LEU A 84 15.13 7.98 -15.42
CA LEU A 84 14.83 9.41 -15.45
C LEU A 84 16.11 10.23 -15.60
N THR A 85 17.16 9.80 -14.89
CA THR A 85 18.43 10.53 -14.90
C THR A 85 19.03 10.52 -16.32
N THR A 86 19.04 9.33 -16.95
CA THR A 86 19.71 9.14 -18.23
C THR A 86 18.79 9.50 -19.40
N GLY A 87 17.48 9.42 -19.19
CA GLY A 87 16.51 9.56 -20.26
C GLY A 87 16.33 8.30 -21.11
N SER A 88 16.86 7.16 -20.63
CA SER A 88 16.84 5.91 -21.38
C SER A 88 16.06 4.88 -20.59
N GLY A 89 15.24 4.07 -21.26
CA GLY A 89 14.55 2.97 -20.59
C GLY A 89 13.19 3.34 -20.00
N LEU A 90 12.69 4.56 -20.26
CA LEU A 90 11.43 5.01 -19.69
C LEU A 90 10.23 4.47 -20.46
N GLN A 91 9.12 4.27 -19.74
CA GLN A 91 7.83 4.04 -20.36
C GLN A 91 7.10 5.39 -20.53
N ASP A 92 5.94 5.38 -21.19
CA ASP A 92 5.22 6.61 -21.47
C ASP A 92 4.63 7.22 -20.20
N ILE A 93 4.26 6.34 -19.25
CA ILE A 93 3.77 6.70 -17.93
C ILE A 93 4.55 5.85 -16.93
N GLN A 94 4.88 6.45 -15.78
CA GLN A 94 5.59 5.74 -14.71
C GLN A 94 4.85 5.95 -13.40
N MET A 95 4.66 4.86 -12.65
CA MET A 95 4.06 4.90 -11.31
C MET A 95 5.13 5.27 -10.27
N VAL A 96 4.71 5.95 -9.20
CA VAL A 96 5.60 6.32 -8.11
C VAL A 96 4.88 6.08 -6.78
N GLU A 97 5.54 5.37 -5.86
CA GLU A 97 5.00 5.14 -4.52
C GLU A 97 5.23 6.36 -3.64
N VAL A 98 4.38 6.56 -2.63
CA VAL A 98 4.49 7.67 -1.69
C VAL A 98 5.84 7.64 -0.93
N GLY A 99 6.44 6.46 -0.77
CA GLY A 99 7.73 6.33 -0.11
C GLY A 99 8.86 6.97 -0.90
N ASN A 100 8.59 7.25 -2.19
CA ASN A 100 9.59 7.80 -3.08
C ASN A 100 9.23 9.16 -3.68
N ILE A 101 7.98 9.60 -3.56
CA ILE A 101 7.52 10.74 -4.34
C ILE A 101 8.31 12.01 -4.04
N ALA A 102 8.68 12.25 -2.78
CA ALA A 102 9.42 13.48 -2.47
C ALA A 102 10.76 13.49 -3.21
N GLU A 103 11.40 12.34 -3.43
CA GLU A 103 12.67 12.32 -4.17
C GLU A 103 12.46 12.58 -5.67
N ILE A 104 11.36 12.06 -6.21
CA ILE A 104 11.03 12.27 -7.61
C ILE A 104 10.69 13.75 -7.86
N VAL A 105 9.85 14.34 -6.99
CA VAL A 105 9.46 15.73 -7.15
C VAL A 105 10.69 16.61 -6.99
N GLY A 106 11.49 16.29 -5.98
CA GLY A 106 12.64 17.11 -5.66
C GLY A 106 13.72 17.11 -6.73
N THR A 107 14.02 15.95 -7.33
CA THR A 107 15.22 15.81 -8.15
C THR A 107 14.93 15.51 -9.62
N GLN A 108 13.68 15.15 -9.97
CA GLN A 108 13.41 14.78 -11.35
C GLN A 108 12.25 15.59 -11.94
N SER A 109 11.77 16.65 -11.26
CA SER A 109 10.60 17.36 -11.74
C SER A 109 10.83 18.00 -13.11
N ASP A 110 12.08 18.39 -13.42
CA ASP A 110 12.36 18.98 -14.72
C ASP A 110 12.20 17.99 -15.88
N LYS A 111 12.20 16.67 -15.59
CA LYS A 111 12.05 15.62 -16.58
C LYS A 111 10.58 15.21 -16.76
N LEU A 112 9.67 15.80 -15.98
CA LEU A 112 8.28 15.35 -15.94
C LEU A 112 7.34 16.44 -16.43
N LEU A 113 6.25 16.03 -17.09
CA LEU A 113 5.24 16.95 -17.58
C LEU A 113 4.44 17.48 -16.40
N ASP A 114 4.04 18.74 -16.49
CA ASP A 114 3.13 19.39 -15.55
C ASP A 114 1.72 18.89 -15.83
N LEU A 115 1.27 17.97 -15.00
CA LEU A 115 -0.03 17.35 -15.16
C LEU A 115 -1.17 18.17 -14.53
N SER A 116 -0.88 19.34 -13.96
CA SER A 116 -1.93 20.17 -13.41
C SER A 116 -2.85 20.69 -14.52
N LYS A 117 -2.39 20.65 -15.77
CA LYS A 117 -3.15 21.10 -16.92
C LYS A 117 -4.02 19.98 -17.48
N TYR A 118 -3.79 18.74 -17.01
CA TYR A 118 -4.47 17.56 -17.51
C TYR A 118 -5.45 16.97 -16.49
N GLY A 119 -5.02 16.86 -15.23
CA GLY A 119 -5.93 16.53 -14.14
C GLY A 119 -6.38 17.78 -13.38
N LYS A 120 -7.47 17.67 -12.64
CA LYS A 120 -8.04 18.82 -11.96
C LYS A 120 -7.66 18.77 -10.48
N GLU A 121 -7.07 19.84 -9.97
CA GLU A 121 -6.67 19.95 -8.57
C GLU A 121 -7.87 19.69 -7.66
N SER A 122 -9.05 20.21 -8.04
CA SER A 122 -10.21 20.12 -7.17
C SER A 122 -10.72 18.68 -7.08
N ASP A 123 -10.23 17.76 -7.93
CA ASP A 123 -10.67 16.36 -7.82
C ASP A 123 -10.00 15.62 -6.66
N TYR A 124 -8.84 16.08 -6.18
CA TYR A 124 -8.01 15.32 -5.25
C TYR A 124 -8.08 15.88 -3.83
N LEU A 125 -7.84 14.99 -2.85
CA LEU A 125 -7.50 15.40 -1.50
C LEU A 125 -6.35 16.40 -1.58
N PRO A 126 -6.46 17.60 -0.98
CA PRO A 126 -5.38 18.59 -1.06
C PRO A 126 -3.99 18.09 -0.65
N TRP A 127 -3.92 17.29 0.40
CA TRP A 127 -2.66 16.77 0.89
C TRP A 127 -2.03 15.83 -0.13
N LYS A 128 -2.87 15.09 -0.87
CA LYS A 128 -2.41 14.21 -1.92
C LYS A 128 -1.85 15.03 -3.09
N TRP A 129 -2.61 16.04 -3.50
CA TRP A 129 -2.19 16.92 -4.59
C TRP A 129 -0.82 17.52 -4.27
N SER A 130 -0.67 17.98 -3.02
CA SER A 130 0.54 18.61 -2.55
CA SER A 130 0.55 18.62 -2.55
C SER A 130 1.76 17.68 -2.65
N GLN A 131 1.57 16.38 -2.35
CA GLN A 131 2.69 15.42 -2.39
C GLN A 131 3.31 15.32 -3.79
N GLY A 132 2.49 15.52 -4.84
CA GLY A 132 2.93 15.38 -6.21
C GLY A 132 3.30 16.71 -6.86
N SER A 133 3.39 17.79 -6.07
CA SER A 133 3.56 19.15 -6.58
C SER A 133 4.89 19.76 -6.13
N THR A 134 5.44 20.63 -6.99
CA THR A 134 6.68 21.32 -6.70
C THR A 134 6.40 22.68 -6.06
N SER A 135 7.45 23.27 -5.46
CA SER A 135 7.37 24.63 -4.93
C SER A 135 7.16 25.65 -6.06
N GLY A 136 7.50 25.29 -7.30
CA GLY A 136 7.31 26.16 -8.46
C GLY A 136 5.87 26.18 -8.97
N GLY A 137 5.01 25.32 -8.42
CA GLY A 137 3.61 25.32 -8.78
C GLY A 137 3.25 24.32 -9.90
N GLN A 138 4.14 23.37 -10.20
CA GLN A 138 3.87 22.30 -11.14
C GLN A 138 3.41 21.06 -10.38
N THR A 139 2.48 20.32 -10.97
CA THR A 139 2.09 19.04 -10.39
C THR A 139 2.56 17.95 -11.34
N VAL A 140 3.62 17.26 -10.96
CA VAL A 140 4.28 16.33 -11.85
C VAL A 140 3.87 14.89 -11.57
N ALA A 141 2.93 14.67 -10.65
CA ALA A 141 2.43 13.33 -10.41
C ALA A 141 0.98 13.45 -9.95
N LEU A 142 0.11 12.59 -10.51
CA LEU A 142 -1.31 12.60 -10.19
C LEU A 142 -1.56 11.38 -9.31
N GLY A 143 -2.24 11.62 -8.19
CA GLY A 143 -2.48 10.57 -7.22
C GLY A 143 -3.37 9.44 -7.73
N THR A 144 -3.01 8.22 -7.32
CA THR A 144 -3.87 7.05 -7.47
C THR A 144 -4.64 6.88 -6.16
N ASP A 145 -4.22 5.93 -5.33
CA ASP A 145 -4.94 5.51 -4.14
C ASP A 145 -4.34 6.09 -2.87
N VAL A 146 -5.05 5.88 -1.74
CA VAL A 146 -4.53 6.04 -0.40
C VAL A 146 -4.72 4.72 0.34
N GLY A 147 -4.10 4.62 1.53
CA GLY A 147 -3.97 3.36 2.23
C GLY A 147 -4.50 3.36 3.67
N PRO A 148 -5.80 3.69 3.89
CA PRO A 148 -6.38 3.63 5.24
C PRO A 148 -6.29 2.21 5.78
N MET A 149 -5.82 2.11 7.03
CA MET A 149 -5.48 0.83 7.65
C MET A 149 -6.73 0.13 8.16
N ALA A 150 -6.75 -1.20 7.94
CA ALA A 150 -7.77 -2.11 8.44
C ALA A 150 -7.10 -3.48 8.60
N ILE A 151 -7.85 -4.48 9.06
CA ILE A 151 -7.34 -5.82 9.25
C ILE A 151 -8.20 -6.77 8.42
N CYS A 152 -7.56 -7.51 7.50
CA CYS A 152 -8.22 -8.53 6.69
CA CYS A 152 -8.27 -8.51 6.72
C CYS A 152 -8.02 -9.87 7.38
N TYR A 153 -9.10 -10.64 7.58
CA TYR A 153 -9.00 -11.91 8.31
C TYR A 153 -9.87 -12.96 7.65
N ARG A 154 -9.47 -14.22 7.86
CA ARG A 154 -10.18 -15.40 7.41
C ARG A 154 -11.21 -15.79 8.46
N LYS A 155 -12.47 -15.65 8.08
CA LYS A 155 -13.60 -15.94 8.95
C LYS A 155 -13.53 -17.38 9.44
N ASP A 156 -13.19 -18.29 8.52
CA ASP A 156 -13.18 -19.71 8.83
C ASP A 156 -12.08 -20.04 9.85
N LEU A 157 -10.89 -19.44 9.70
CA LEU A 157 -9.79 -19.71 10.62
C LEU A 157 -10.07 -19.10 11.99
N PHE A 158 -10.68 -17.90 12.04
CA PHE A 158 -11.02 -17.28 13.30
C PHE A 158 -12.07 -18.13 14.03
N GLU A 159 -13.09 -18.55 13.31
CA GLU A 159 -14.14 -19.36 13.90
C GLU A 159 -13.54 -20.66 14.46
N ALA A 160 -12.65 -21.29 13.70
CA ALA A 160 -12.04 -22.55 14.11
C ALA A 160 -11.24 -22.39 15.40
N ALA A 161 -10.67 -21.21 15.62
CA ALA A 161 -9.82 -20.95 16.78
C ALA A 161 -10.60 -20.39 17.95
N GLY A 162 -11.92 -20.21 17.82
CA GLY A 162 -12.72 -19.74 18.94
C GLY A 162 -12.89 -18.22 18.98
N LEU A 163 -12.42 -17.53 17.94
CA LEU A 163 -12.58 -16.07 17.84
C LEU A 163 -13.91 -15.75 17.16
N PRO A 164 -14.47 -14.53 17.39
CA PRO A 164 -15.62 -14.06 16.62
C PRO A 164 -15.25 -13.97 15.14
N SER A 165 -16.23 -14.07 14.24
CA SER A 165 -15.97 -13.93 12.82
C SER A 165 -16.77 -12.80 12.19
N ASP A 166 -17.73 -12.25 12.95
CA ASP A 166 -18.42 -11.02 12.57
C ASP A 166 -17.43 -9.85 12.69
N ARG A 167 -17.38 -9.01 11.66
CA ARG A 167 -16.38 -7.96 11.59
C ARG A 167 -16.49 -6.92 12.71
N GLU A 168 -17.69 -6.60 13.19
CA GLU A 168 -17.83 -5.65 14.30
C GLU A 168 -17.29 -6.26 15.59
N GLU A 169 -17.60 -7.53 15.84
CA GLU A 169 -17.13 -8.23 17.03
C GLU A 169 -15.60 -8.39 16.99
N VAL A 170 -15.06 -8.69 15.81
CA VAL A 170 -13.60 -8.79 15.64
C VAL A 170 -12.94 -7.46 15.97
N GLY A 171 -13.48 -6.37 15.40
CA GLY A 171 -12.96 -5.03 15.67
C GLY A 171 -12.96 -4.70 17.16
N LYS A 172 -13.99 -5.16 17.89
CA LYS A 172 -14.09 -4.89 19.32
C LYS A 172 -13.02 -5.62 20.13
N LEU A 173 -12.46 -6.70 19.60
CA LEU A 173 -11.36 -7.37 20.29
C LEU A 173 -10.20 -6.42 20.59
N TRP A 174 -9.94 -5.44 19.72
CA TRP A 174 -8.69 -4.70 19.81
C TRP A 174 -8.88 -3.20 19.59
N THR A 175 -10.10 -2.71 19.75
CA THR A 175 -10.38 -1.30 19.56
C THR A 175 -9.37 -0.47 20.37
N GLY A 176 -8.62 0.40 19.67
CA GLY A 176 -7.80 1.42 20.32
C GLY A 176 -6.43 0.95 20.83
N SER A 177 -6.06 -0.33 20.63
CA SER A 177 -4.88 -0.90 21.29
C SER A 177 -4.21 -2.02 20.49
N TRP A 178 -2.93 -1.85 20.13
CA TRP A 178 -2.12 -2.89 19.50
C TRP A 178 -1.73 -3.99 20.47
N ASP A 179 -1.67 -3.69 21.77
CA ASP A 179 -1.47 -4.71 22.79
C ASP A 179 -2.67 -5.68 22.80
N LYS A 180 -3.89 -5.15 22.69
CA LYS A 180 -5.08 -6.00 22.64
C LYS A 180 -5.07 -6.80 21.34
N PHE A 181 -4.45 -6.25 20.28
CA PHE A 181 -4.33 -6.98 19.03
C PHE A 181 -3.43 -8.20 19.22
N VAL A 182 -2.28 -8.01 19.89
CA VAL A 182 -1.36 -9.11 20.16
C VAL A 182 -2.00 -10.13 21.11
N ASP A 183 -2.79 -9.67 22.09
CA ASP A 183 -3.52 -10.56 22.99
C ASP A 183 -4.50 -11.42 22.19
N ALA A 184 -5.21 -10.82 21.22
CA ALA A 184 -6.12 -11.59 20.38
C ALA A 184 -5.31 -12.64 19.62
N GLY A 185 -4.10 -12.28 19.14
CA GLY A 185 -3.24 -13.25 18.49
C GLY A 185 -2.84 -14.41 19.39
N ASN A 186 -2.55 -14.12 20.66
CA ASN A 186 -2.21 -15.15 21.62
C ASN A 186 -3.39 -16.10 21.79
N GLN A 187 -4.60 -15.56 21.80
CA GLN A 187 -5.79 -16.39 21.95
C GLN A 187 -5.94 -17.30 20.72
N TYR A 188 -5.72 -16.72 19.53
CA TYR A 188 -5.78 -17.48 18.29
C TYR A 188 -4.79 -18.64 18.35
N LYS A 189 -3.57 -18.37 18.78
CA LYS A 189 -2.52 -19.38 18.78
C LYS A 189 -2.90 -20.57 19.67
N LYS A 190 -3.63 -20.31 20.77
CA LYS A 190 -4.04 -21.36 21.70
C LYS A 190 -4.86 -22.46 21.01
N LYS A 191 -5.63 -22.10 19.97
CA LYS A 191 -6.56 -23.02 19.32
C LYS A 191 -6.40 -23.01 17.80
N ALA A 192 -5.20 -22.63 17.31
CA ALA A 192 -5.01 -22.42 15.90
C ALA A 192 -5.09 -23.73 15.12
N PRO A 193 -5.81 -23.75 13.99
CA PRO A 193 -5.71 -24.86 13.04
C PRO A 193 -4.25 -25.22 12.75
N LYS A 194 -4.00 -26.52 12.64
CA LYS A 194 -2.67 -27.04 12.41
C LYS A 194 -2.01 -26.32 11.24
N GLY A 195 -0.79 -25.83 11.48
CA GLY A 195 0.06 -25.27 10.44
C GLY A 195 -0.25 -23.80 10.11
N THR A 196 -1.16 -23.15 10.86
CA THR A 196 -1.46 -21.74 10.65
C THR A 196 -0.86 -20.86 11.76
N THR A 197 -0.55 -19.61 11.40
CA THR A 197 -0.17 -18.55 12.34
C THR A 197 -1.25 -17.47 12.32
N PHE A 198 -1.28 -16.64 13.37
CA PHE A 198 -2.24 -15.56 13.46
C PHE A 198 -2.05 -14.60 12.29
N LEU A 199 -0.79 -14.18 12.07
N LEU A 199 -0.80 -14.18 12.06
CA LEU A 199 -0.44 -13.18 11.08
CA LEU A 199 -0.52 -13.18 11.04
C LEU A 199 0.48 -13.74 10.00
C LEU A 199 0.49 -13.71 10.01
N ASP A 200 0.51 -13.06 8.85
CA ASP A 200 1.32 -13.47 7.71
C ASP A 200 2.81 -13.22 7.92
N SER A 201 3.17 -12.11 8.58
CA SER A 201 4.54 -11.63 8.53
C SER A 201 4.80 -10.65 9.66
N PRO A 202 6.08 -10.48 10.06
CA PRO A 202 6.44 -9.40 10.98
C PRO A 202 6.44 -8.04 10.30
N GLY A 203 6.86 -7.99 9.02
CA GLY A 203 6.87 -6.75 8.28
C GLY A 203 5.51 -6.09 8.16
N GLY A 204 4.49 -6.92 7.90
CA GLY A 204 3.14 -6.40 7.80
C GLY A 204 2.62 -5.85 9.13
N LEU A 205 2.97 -6.52 10.24
CA LEU A 205 2.55 -6.05 11.55
C LEU A 205 3.24 -4.71 11.86
N LEU A 206 4.53 -4.60 11.56
CA LEU A 206 5.24 -3.36 11.85
C LEU A 206 4.66 -2.21 11.01
N GLN A 207 4.43 -2.44 9.72
CA GLN A 207 3.88 -1.40 8.85
C GLN A 207 2.53 -0.92 9.40
N ALA A 208 1.71 -1.87 9.88
CA ALA A 208 0.41 -1.50 10.45
C ALA A 208 0.57 -0.63 11.70
N ILE A 209 1.47 -1.03 12.61
CA ILE A 209 1.62 -0.27 13.85
C ILE A 209 2.15 1.12 13.53
N LEU A 210 3.11 1.23 12.62
CA LEU A 210 3.67 2.52 12.24
C LEU A 210 2.66 3.42 11.53
N SER A 211 1.65 2.83 10.87
CA SER A 211 0.75 3.54 9.98
C SER A 211 -0.04 4.64 10.70
N SER A 212 -0.21 4.52 12.03
CA SER A 212 -1.03 5.50 12.75
C SER A 212 -0.26 6.77 13.12
N GLU A 213 1.05 6.81 12.87
CA GLU A 213 1.87 7.97 13.19
CA GLU A 213 1.87 7.96 13.20
C GLU A 213 1.77 9.01 12.08
N LYS A 214 1.64 10.28 12.47
CA LYS A 214 1.67 11.37 11.53
C LYS A 214 3.10 11.59 11.05
N ASP A 215 4.04 11.56 12.01
CA ASP A 215 5.47 11.70 11.73
C ASP A 215 6.16 10.37 12.03
N ARG A 216 6.38 9.56 10.99
CA ARG A 216 7.01 8.26 11.15
C ARG A 216 8.53 8.40 11.14
N PHE A 217 9.08 8.80 9.98
CA PHE A 217 10.50 8.75 9.74
C PHE A 217 11.12 10.13 9.50
N TYR A 218 10.28 11.15 9.27
CA TYR A 218 10.66 12.53 9.11
C TYR A 218 9.74 13.41 9.95
N ASP A 219 10.29 14.50 10.45
CA ASP A 219 9.44 15.53 11.05
C ASP A 219 9.24 16.64 10.01
N ALA A 220 8.42 17.62 10.39
CA ALA A 220 7.97 18.65 9.47
C ALA A 220 9.15 19.49 8.99
N SER A 221 10.24 19.52 9.77
CA SER A 221 11.45 20.24 9.41
C SER A 221 12.40 19.43 8.52
N GLY A 222 12.03 18.20 8.13
CA GLY A 222 12.81 17.38 7.21
C GLY A 222 13.85 16.50 7.92
N LYS A 223 13.82 16.48 9.26
CA LYS A 223 14.79 15.71 10.03
C LYS A 223 14.42 14.23 9.96
N VAL A 224 15.40 13.39 9.65
CA VAL A 224 15.21 11.96 9.76
C VAL A 224 15.17 11.58 11.25
N ILE A 225 14.05 10.98 11.69
CA ILE A 225 13.79 10.72 13.09
C ILE A 225 13.53 9.24 13.36
N TYR A 226 13.80 8.33 12.41
CA TYR A 226 13.39 6.94 12.59
C TYR A 226 14.07 6.32 13.81
N LYS A 227 15.33 6.73 14.08
CA LYS A 227 16.13 6.21 15.19
C LYS A 227 15.80 6.83 16.54
N THR A 228 15.17 8.02 16.54
CA THR A 228 14.95 8.76 17.76
C THR A 228 13.47 8.91 18.09
N ASN A 229 12.61 8.61 17.11
CA ASN A 229 11.18 8.63 17.33
C ASN A 229 10.83 7.43 18.22
N PRO A 230 10.38 7.64 19.48
CA PRO A 230 10.07 6.51 20.37
C PRO A 230 8.98 5.59 19.83
N ALA A 231 8.09 6.12 18.99
CA ALA A 231 7.00 5.32 18.44
C ALA A 231 7.55 4.26 17.49
N VAL A 232 8.64 4.57 16.77
CA VAL A 232 9.18 3.60 15.83
C VAL A 232 9.80 2.41 16.58
N LYS A 233 10.66 2.71 17.55
CA LYS A 233 11.30 1.67 18.35
C LYS A 233 10.26 0.84 19.12
N SER A 234 9.23 1.52 19.63
CA SER A 234 8.16 0.86 20.36
C SER A 234 7.39 -0.10 19.43
N ALA A 235 7.06 0.34 18.21
CA ALA A 235 6.39 -0.50 17.22
C ALA A 235 7.28 -1.69 16.87
N PHE A 236 8.60 -1.45 16.71
CA PHE A 236 9.55 -2.50 16.38
C PHE A 236 9.56 -3.57 17.49
N ASP A 237 9.61 -3.10 18.74
CA ASP A 237 9.72 -3.99 19.89
C ASP A 237 8.43 -4.77 20.10
N LEU A 238 7.26 -4.16 19.89
CA LEU A 238 5.99 -4.88 19.96
C LEU A 238 5.91 -5.93 18.87
N THR A 239 6.34 -5.55 17.65
CA THR A 239 6.41 -6.51 16.57
C THR A 239 7.33 -7.67 16.96
N ALA A 240 8.50 -7.37 17.53
CA ALA A 240 9.42 -8.40 17.98
C ALA A 240 8.77 -9.31 19.03
N LYS A 241 7.99 -8.74 19.96
CA LYS A 241 7.29 -9.54 20.97
C LYS A 241 6.33 -10.53 20.32
N ALA A 242 5.52 -10.06 19.37
CA ALA A 242 4.60 -10.91 18.61
C ALA A 242 5.35 -12.03 17.89
N ALA A 243 6.50 -11.69 17.28
CA ALA A 243 7.33 -12.64 16.55
C ALA A 243 7.85 -13.72 17.49
N LYS A 244 8.37 -13.31 18.64
CA LYS A 244 8.93 -14.24 19.61
C LYS A 244 7.83 -15.16 20.13
N ALA A 245 6.59 -14.65 20.20
CA ALA A 245 5.47 -15.42 20.72
C ALA A 245 4.86 -16.34 19.66
N GLY A 246 5.42 -16.39 18.45
CA GLY A 246 4.93 -17.29 17.41
C GLY A 246 3.63 -16.84 16.77
N LEU A 247 3.34 -15.52 16.78
CA LEU A 247 2.09 -15.03 16.22
C LEU A 247 2.18 -14.75 14.72
N VAL A 248 3.41 -14.71 14.15
CA VAL A 248 3.56 -14.26 12.78
C VAL A 248 4.38 -15.28 11.98
N GLY A 249 4.06 -15.42 10.70
CA GLY A 249 4.85 -16.28 9.84
C GLY A 249 6.24 -15.70 9.61
N ASN A 250 7.20 -16.61 9.43
CA ASN A 250 8.58 -16.23 9.17
C ASN A 250 8.73 -15.98 7.67
N GLN A 251 8.18 -14.84 7.22
CA GLN A 251 8.07 -14.51 5.80
C GLN A 251 8.33 -13.03 5.59
N THR A 252 9.17 -12.71 4.60
CA THR A 252 9.22 -11.36 4.05
C THR A 252 8.04 -11.21 3.09
N GLN A 253 7.38 -10.05 3.14
CA GLN A 253 6.21 -9.81 2.32
C GLN A 253 6.62 -9.60 0.85
N PHE A 254 5.68 -9.83 -0.05
CA PHE A 254 5.80 -9.54 -1.47
C PHE A 254 6.92 -10.34 -2.11
N GLN A 255 7.03 -11.60 -1.70
CA GLN A 255 7.94 -12.59 -2.27
C GLN A 255 7.15 -13.87 -2.59
N PRO A 256 7.64 -14.73 -3.51
CA PRO A 256 6.95 -15.98 -3.85
C PRO A 256 6.60 -16.86 -2.64
N ALA A 257 7.49 -16.98 -1.64
CA ALA A 257 7.13 -17.84 -0.50
C ALA A 257 5.94 -17.26 0.25
N TRP A 258 5.87 -15.93 0.39
CA TRP A 258 4.73 -15.27 1.03
C TRP A 258 3.45 -15.46 0.20
N ASP A 259 3.55 -15.35 -1.13
CA ASP A 259 2.42 -15.64 -2.02
C ASP A 259 1.84 -17.04 -1.72
N THR A 260 2.74 -18.03 -1.56
CA THR A 260 2.34 -19.39 -1.26
C THR A 260 1.58 -19.50 0.06
N THR A 261 1.97 -18.69 1.07
CA THR A 261 1.24 -18.71 2.35
C THR A 261 -0.18 -18.18 2.15
N ILE A 262 -0.40 -17.28 1.19
CA ILE A 262 -1.76 -16.83 0.88
C ILE A 262 -2.52 -17.97 0.20
N ALA A 263 -1.89 -18.52 -0.84
CA ALA A 263 -2.51 -19.60 -1.60
C ALA A 263 -2.95 -20.73 -0.67
N ASN A 264 -2.09 -21.09 0.29
CA ASN A 264 -2.28 -22.32 1.06
C ASN A 264 -2.91 -22.05 2.43
N SER A 265 -3.44 -20.83 2.66
CA SER A 265 -4.23 -20.53 3.84
C SER A 265 -3.42 -20.75 5.13
N LYS A 266 -2.21 -20.19 5.16
CA LYS A 266 -1.30 -20.51 6.27
C LYS A 266 -1.40 -19.50 7.41
N PHE A 267 -2.18 -18.43 7.24
CA PHE A 267 -2.35 -17.43 8.28
C PHE A 267 -3.79 -16.91 8.31
N ALA A 268 -4.20 -16.39 9.48
CA ALA A 268 -5.58 -16.03 9.73
C ALA A 268 -5.87 -14.56 9.45
N ALA A 269 -4.84 -13.70 9.53
CA ALA A 269 -5.05 -12.26 9.40
C ALA A 269 -3.81 -11.55 8.86
N MET A 270 -4.06 -10.36 8.33
CA MET A 270 -2.97 -9.51 7.88
C MET A 270 -3.39 -8.04 7.89
N SER A 271 -2.39 -7.17 7.96
CA SER A 271 -2.63 -5.75 7.77
CA SER A 271 -2.60 -5.75 7.76
C SER A 271 -3.17 -5.52 6.38
N CYS A 272 -4.21 -4.68 6.28
CA CYS A 272 -4.95 -4.55 5.03
CA CYS A 272 -4.96 -4.54 5.03
C CYS A 272 -5.32 -3.08 4.76
N PRO A 273 -4.34 -2.27 4.32
CA PRO A 273 -4.67 -1.06 3.58
C PRO A 273 -5.39 -1.60 2.35
N PRO A 274 -6.30 -0.83 1.72
CA PRO A 274 -7.22 -1.40 0.73
C PRO A 274 -6.50 -2.07 -0.44
N TRP A 275 -5.37 -1.51 -0.88
CA TRP A 275 -4.62 -2.10 -1.99
C TRP A 275 -4.09 -3.50 -1.70
N MET A 276 -4.03 -3.91 -0.43
CA MET A 276 -3.67 -5.28 -0.11
C MET A 276 -4.67 -6.27 -0.71
N LEU A 277 -5.92 -5.85 -0.97
CA LEU A 277 -6.88 -6.75 -1.60
C LEU A 277 -6.41 -7.21 -2.98
N GLY A 278 -5.67 -6.37 -3.70
CA GLY A 278 -5.13 -6.76 -4.99
C GLY A 278 -4.23 -7.98 -4.86
N TYR A 279 -3.43 -8.01 -3.80
CA TYR A 279 -2.56 -9.14 -3.51
C TYR A 279 -3.34 -10.34 -3.04
N ILE A 280 -4.28 -10.16 -2.11
CA ILE A 280 -5.07 -11.30 -1.62
C ILE A 280 -5.81 -11.94 -2.81
N LYS A 281 -6.47 -11.13 -3.62
CA LYS A 281 -7.19 -11.68 -4.76
C LYS A 281 -6.23 -12.31 -5.78
N GLY A 282 -5.09 -11.68 -6.02
CA GLY A 282 -4.17 -12.18 -7.04
C GLY A 282 -3.50 -13.52 -6.66
N LYS A 283 -3.27 -13.76 -5.35
CA LYS A 283 -2.45 -14.87 -4.91
C LYS A 283 -3.27 -15.99 -4.27
N SER A 284 -4.57 -15.76 -4.03
CA SER A 284 -5.44 -16.75 -3.41
C SER A 284 -5.88 -17.83 -4.40
N LYS A 285 -6.22 -19.02 -3.89
CA LYS A 285 -6.87 -20.03 -4.70
C LYS A 285 -8.35 -19.66 -4.84
N PRO A 286 -9.03 -20.11 -5.92
CA PRO A 286 -10.44 -19.81 -6.15
C PRO A 286 -11.33 -20.19 -4.97
N GLU A 287 -10.98 -21.28 -4.28
CA GLU A 287 -11.78 -21.77 -3.16
C GLU A 287 -11.89 -20.76 -2.02
N ALA A 288 -10.98 -19.77 -1.92
CA ALA A 288 -10.99 -18.82 -0.82
C ALA A 288 -11.93 -17.64 -1.08
N ALA A 289 -12.54 -17.56 -2.27
CA ALA A 289 -13.43 -16.44 -2.56
C ALA A 289 -14.53 -16.40 -1.49
N GLY A 290 -14.74 -15.23 -0.90
CA GLY A 290 -15.82 -15.07 0.06
C GLY A 290 -15.44 -15.41 1.51
N LYS A 291 -14.22 -15.91 1.75
CA LYS A 291 -13.86 -16.39 3.08
C LYS A 291 -13.17 -15.32 3.93
N TRP A 292 -12.85 -14.16 3.35
CA TRP A 292 -12.22 -13.09 4.10
C TRP A 292 -13.27 -12.05 4.51
N ASP A 293 -12.92 -11.26 5.52
CA ASP A 293 -13.69 -10.08 5.87
C ASP A 293 -12.72 -9.06 6.44
N ILE A 294 -13.23 -7.87 6.77
CA ILE A 294 -12.38 -6.74 7.10
C ILE A 294 -12.89 -6.04 8.35
N ALA A 295 -12.04 -6.03 9.39
CA ALA A 295 -12.33 -5.36 10.64
C ALA A 295 -11.52 -4.05 10.71
N GLN A 296 -12.01 -3.12 11.54
CA GLN A 296 -11.30 -1.89 11.83
C GLN A 296 -10.02 -2.24 12.57
N ALA A 297 -8.95 -1.49 12.28
CA ALA A 297 -7.69 -1.66 12.97
C ALA A 297 -7.76 -0.99 14.34
N PRO A 298 -6.78 -1.33 15.22
CA PRO A 298 -6.67 -0.70 16.54
C PRO A 298 -6.68 0.83 16.49
N LYS A 299 -5.92 1.40 15.54
CA LYS A 299 -5.88 2.84 15.38
C LYS A 299 -6.00 3.20 13.90
N SER A 300 -6.52 4.40 13.62
N SER A 300 -6.48 4.42 13.64
CA SER A 300 -6.55 4.87 12.24
CA SER A 300 -6.50 4.96 12.28
C SER A 300 -5.13 5.12 11.76
C SER A 300 -5.07 5.10 11.78
N GLY A 301 -4.88 4.75 10.50
CA GLY A 301 -3.54 4.81 9.92
C GLY A 301 -3.58 4.89 8.42
N ASN A 302 -2.41 5.19 7.86
CA ASN A 302 -2.19 5.14 6.42
C ASN A 302 -0.92 4.37 6.13
N TRP A 303 -1.05 3.37 5.26
CA TRP A 303 0.09 2.69 4.67
C TRP A 303 -0.08 2.66 3.15
N GLY A 304 0.76 3.42 2.45
CA GLY A 304 0.86 3.40 1.01
C GLY A 304 0.08 4.53 0.33
N GLY A 305 -0.05 4.36 -0.98
CA GLY A 305 -0.54 5.39 -1.89
C GLY A 305 0.48 5.65 -2.98
N SER A 306 -0.01 5.89 -4.19
CA SER A 306 0.87 6.02 -5.35
C SER A 306 0.40 7.18 -6.25
N PHE A 307 1.13 7.35 -7.36
CA PHE A 307 0.98 8.43 -8.31
C PHE A 307 1.36 7.92 -9.69
N LEU A 308 0.82 8.60 -10.72
CA LEU A 308 1.28 8.45 -12.09
C LEU A 308 1.97 9.75 -12.53
N SER A 309 3.11 9.56 -13.22
CA SER A 309 3.87 10.65 -13.82
CA SER A 309 3.89 10.64 -13.81
C SER A 309 4.11 10.35 -15.30
N VAL A 310 4.39 11.43 -16.07
CA VAL A 310 4.63 11.35 -17.51
C VAL A 310 5.95 12.01 -17.85
N PRO A 311 6.97 11.21 -18.23
CA PRO A 311 8.24 11.76 -18.72
C PRO A 311 7.99 12.68 -19.91
N LYS A 312 8.48 13.91 -19.84
CA LYS A 312 7.94 14.96 -20.70
C LYS A 312 8.49 14.85 -22.11
N ASN A 313 9.58 14.07 -22.28
CA ASN A 313 10.26 14.03 -23.57
C ASN A 313 9.97 12.76 -24.37
N GLY A 314 9.07 11.89 -23.86
CA GLY A 314 8.61 10.74 -24.62
C GLY A 314 7.80 11.19 -25.84
N LYS A 315 7.84 10.38 -26.89
CA LYS A 315 7.23 10.75 -28.16
C LYS A 315 5.70 10.82 -28.01
N ASN A 316 5.16 10.16 -26.98
CA ASN A 316 3.73 10.11 -26.79
C ASN A 316 3.31 10.89 -25.55
N ALA A 317 4.06 11.92 -25.16
CA ALA A 317 3.80 12.53 -23.85
C ALA A 317 2.38 13.10 -23.77
N GLU A 318 1.88 13.71 -24.84
CA GLU A 318 0.57 14.35 -24.84
C GLU A 318 -0.52 13.30 -24.60
N GLU A 319 -0.48 12.20 -25.35
CA GLU A 319 -1.47 11.15 -25.18
C GLU A 319 -1.31 10.47 -23.81
N ALA A 320 -0.06 10.27 -23.38
CA ALA A 320 0.21 9.67 -22.08
C ALA A 320 -0.42 10.50 -20.95
N ALA A 321 -0.28 11.83 -21.02
CA ALA A 321 -0.80 12.73 -19.99
C ALA A 321 -2.32 12.65 -19.93
N LYS A 322 -2.97 12.62 -21.10
CA LYS A 322 -4.42 12.48 -21.11
C LYS A 322 -4.85 11.14 -20.51
N LEU A 323 -4.11 10.07 -20.81
CA LEU A 323 -4.45 8.76 -20.26
C LEU A 323 -4.23 8.71 -18.75
N ALA A 324 -3.11 9.27 -18.30
CA ALA A 324 -2.80 9.30 -16.88
C ALA A 324 -3.88 10.05 -16.12
N ALA A 325 -4.33 11.21 -16.65
CA ALA A 325 -5.36 12.00 -15.98
C ALA A 325 -6.68 11.25 -15.97
N TRP A 326 -6.96 10.51 -17.05
CA TRP A 326 -8.22 9.77 -17.12
C TRP A 326 -8.20 8.59 -16.15
N LEU A 327 -7.08 7.85 -16.07
CA LEU A 327 -7.00 6.70 -15.17
C LEU A 327 -7.17 7.13 -13.71
N THR A 328 -6.76 8.35 -13.35
CA THR A 328 -6.81 8.83 -11.98
C THR A 328 -8.01 9.74 -11.70
N ALA A 329 -8.90 9.94 -12.70
CA ALA A 329 -10.09 10.75 -12.50
C ALA A 329 -11.07 10.01 -11.58
N PRO A 330 -11.97 10.74 -10.90
CA PRO A 330 -12.87 10.14 -9.92
C PRO A 330 -13.64 8.90 -10.38
N GLU A 331 -14.18 8.94 -11.60
CA GLU A 331 -14.98 7.84 -12.11
C GLU A 331 -14.11 6.59 -12.23
N GLN A 332 -12.85 6.75 -12.66
CA GLN A 332 -11.99 5.60 -12.89
C GLN A 332 -11.41 5.07 -11.57
N GLN A 333 -11.16 5.96 -10.61
CA GLN A 333 -10.77 5.55 -9.27
C GLN A 333 -11.91 4.76 -8.61
N ALA A 334 -13.17 5.17 -8.83
CA ALA A 334 -14.31 4.46 -8.27
C ALA A 334 -14.40 3.04 -8.85
N LYS A 335 -14.20 2.94 -10.18
CA LYS A 335 -14.28 1.65 -10.87
C LYS A 335 -13.19 0.71 -10.36
N LEU A 336 -11.97 1.23 -10.17
CA LEU A 336 -10.88 0.42 -9.70
C LEU A 336 -11.15 -0.09 -8.27
N PHE A 337 -11.72 0.77 -7.41
CA PHE A 337 -12.10 0.35 -6.06
C PHE A 337 -13.13 -0.80 -6.13
N ALA A 338 -14.13 -0.65 -7.00
CA ALA A 338 -15.24 -1.59 -7.12
C ALA A 338 -14.79 -3.00 -7.54
N VAL A 339 -13.66 -3.10 -8.25
CA VAL A 339 -13.15 -4.37 -8.74
C VAL A 339 -11.96 -4.85 -7.90
N GLN A 340 -11.02 -3.97 -7.63
CA GLN A 340 -9.74 -4.39 -7.06
C GLN A 340 -9.57 -3.97 -5.59
N GLY A 341 -10.32 -2.98 -5.11
CA GLY A 341 -10.34 -2.64 -3.70
C GLY A 341 -9.42 -1.49 -3.27
N SER A 342 -8.59 -0.95 -4.19
CA SER A 342 -7.76 0.18 -3.82
C SER A 342 -8.61 1.45 -3.68
N PHE A 343 -8.33 2.22 -2.62
CA PHE A 343 -9.25 3.24 -2.16
C PHE A 343 -8.94 4.59 -2.79
N PRO A 344 -9.93 5.34 -3.33
CA PRO A 344 -9.61 6.56 -4.05
C PRO A 344 -8.98 7.70 -3.24
N SER A 345 -8.16 8.51 -3.92
CA SER A 345 -7.68 9.79 -3.41
C SER A 345 -8.53 10.96 -3.90
N THR A 346 -9.64 10.64 -4.61
CA THR A 346 -10.52 11.64 -5.21
C THR A 346 -11.86 11.60 -4.47
N PRO A 347 -12.16 12.55 -3.56
CA PRO A 347 -13.36 12.46 -2.71
C PRO A 347 -14.72 12.43 -3.38
N ALA A 348 -14.84 12.96 -4.61
CA ALA A 348 -16.14 12.83 -5.27
C ALA A 348 -16.50 11.36 -5.46
N ALA A 349 -15.50 10.48 -5.64
CA ALA A 349 -15.73 9.04 -5.77
C ALA A 349 -16.44 8.44 -4.55
N TYR A 350 -16.22 8.99 -3.36
CA TYR A 350 -16.76 8.38 -2.13
C TYR A 350 -18.30 8.40 -2.10
N ASP A 351 -18.92 9.34 -2.84
CA ASP A 351 -20.38 9.45 -2.88
C ASP A 351 -20.99 8.70 -4.07
N SER A 352 -20.17 8.03 -4.87
CA SER A 352 -20.65 7.25 -6.00
C SER A 352 -21.19 5.89 -5.52
N ALA A 353 -22.15 5.34 -6.27
CA ALA A 353 -22.64 4.00 -5.99
C ALA A 353 -21.51 2.97 -6.12
N ALA A 354 -20.59 3.18 -7.06
CA ALA A 354 -19.51 2.23 -7.27
C ALA A 354 -18.74 2.00 -5.96
N VAL A 355 -18.49 3.07 -5.19
CA VAL A 355 -17.79 2.97 -3.92
C VAL A 355 -18.73 2.54 -2.80
N LYS A 356 -19.87 3.25 -2.65
CA LYS A 356 -20.79 2.98 -1.57
C LYS A 356 -21.27 1.53 -1.58
N ASP A 357 -21.52 0.95 -2.76
CA ASP A 357 -22.10 -0.38 -2.85
C ASP A 357 -21.02 -1.43 -3.18
N ALA A 358 -19.73 -1.05 -3.09
CA ALA A 358 -18.67 -1.93 -3.54
C ALA A 358 -18.61 -3.22 -2.71
N LYS A 359 -18.22 -4.28 -3.42
CA LYS A 359 -17.83 -5.57 -2.87
C LYS A 359 -16.49 -5.97 -3.49
N ASN A 360 -15.82 -6.92 -2.85
CA ASN A 360 -14.65 -7.57 -3.40
C ASN A 360 -14.85 -9.07 -3.39
N ASP A 361 -14.32 -9.77 -4.42
CA ASP A 361 -14.48 -11.22 -4.55
C ASP A 361 -13.98 -11.95 -3.30
N MET A 362 -12.91 -11.46 -2.68
CA MET A 362 -12.33 -12.17 -1.54
C MET A 362 -13.21 -12.06 -0.30
N THR A 363 -14.01 -10.98 -0.20
CA THR A 363 -14.73 -10.64 1.03
C THR A 363 -16.24 -10.86 0.89
N GLY A 364 -16.69 -11.50 -0.18
CA GLY A 364 -18.08 -11.92 -0.27
C GLY A 364 -19.00 -10.71 -0.30
N ASP A 365 -19.97 -10.67 0.64
CA ASP A 365 -20.92 -9.58 0.70
C ASP A 365 -20.50 -8.45 1.63
N ALA A 366 -19.25 -8.46 2.14
CA ALA A 366 -18.79 -7.38 3.00
C ALA A 366 -18.87 -6.06 2.24
N PRO A 367 -19.43 -4.99 2.87
CA PRO A 367 -19.56 -3.68 2.25
C PRO A 367 -18.26 -2.88 2.35
N ILE A 368 -17.32 -3.16 1.46
CA ILE A 368 -15.96 -2.66 1.62
C ILE A 368 -15.92 -1.14 1.49
N GLY A 369 -16.87 -0.53 0.76
CA GLY A 369 -16.99 0.92 0.73
C GLY A 369 -17.27 1.51 2.12
N THR A 370 -18.25 0.92 2.83
CA THR A 370 -18.57 1.36 4.18
C THR A 370 -17.38 1.18 5.12
N ILE A 371 -16.75 0.00 5.02
CA ILE A 371 -15.67 -0.39 5.89
C ILE A 371 -14.49 0.57 5.72
N PHE A 372 -14.08 0.83 4.48
CA PHE A 372 -12.91 1.66 4.26
C PHE A 372 -13.24 3.14 4.45
N ALA A 373 -14.48 3.58 4.17
CA ALA A 373 -14.84 4.95 4.49
C ALA A 373 -14.64 5.21 5.99
N GLU A 374 -15.04 4.26 6.84
CA GLU A 374 -14.86 4.37 8.28
C GLU A 374 -13.37 4.37 8.61
N ALA A 375 -12.59 3.45 8.04
CA ALA A 375 -11.15 3.40 8.29
C ALA A 375 -10.45 4.70 7.88
N ALA A 376 -10.97 5.37 6.83
CA ALA A 376 -10.35 6.58 6.31
C ALA A 376 -10.77 7.86 7.02
N LYS A 377 -11.79 7.81 7.89
CA LYS A 377 -12.38 9.02 8.48
C LYS A 377 -11.30 9.88 9.17
N ASN A 378 -10.41 9.26 9.94
CA ASN A 378 -9.36 10.00 10.62
C ASN A 378 -7.97 9.57 10.12
N ILE A 379 -7.86 9.32 8.81
CA ILE A 379 -6.61 8.92 8.20
C ILE A 379 -5.57 9.99 8.53
N PRO A 380 -4.37 9.63 9.03
CA PRO A 380 -3.34 10.64 9.34
C PRO A 380 -2.75 11.23 8.07
N VAL A 381 -2.58 12.56 8.05
CA VAL A 381 -1.90 13.22 6.93
C VAL A 381 -0.42 13.22 7.30
N GLN A 382 0.36 12.37 6.63
CA GLN A 382 1.68 12.00 7.09
C GLN A 382 2.75 12.92 6.54
N THR A 383 3.75 13.19 7.37
CA THR A 383 4.95 13.86 6.91
C THR A 383 5.78 12.83 6.17
N ILE A 384 6.08 13.12 4.89
CA ILE A 384 6.84 12.20 4.09
C ILE A 384 8.21 12.85 3.85
N GLY A 385 9.13 12.03 3.36
CA GLY A 385 10.46 12.46 3.00
C GLY A 385 11.03 11.52 1.94
N PRO A 386 12.16 11.91 1.34
CA PRO A 386 12.63 11.23 0.14
C PRO A 386 13.10 9.79 0.32
N LYS A 387 13.45 9.39 1.54
CA LYS A 387 14.03 8.07 1.77
C LYS A 387 13.08 7.19 2.59
N ASP A 388 11.80 7.56 2.68
CA ASP A 388 10.83 6.77 3.42
C ASP A 388 10.90 5.30 3.00
N GLN A 389 10.88 5.07 1.68
CA GLN A 389 10.85 3.73 1.12
C GLN A 389 12.01 2.88 1.66
N ILE A 390 13.24 3.41 1.61
CA ILE A 390 14.38 2.62 2.01
C ILE A 390 14.43 2.41 3.52
N ILE A 391 13.87 3.35 4.29
CA ILE A 391 13.76 3.19 5.74
C ILE A 391 12.77 2.06 6.08
N GLN A 392 11.61 2.08 5.42
CA GLN A 392 10.63 1.02 5.57
C GLN A 392 11.26 -0.33 5.26
N GLN A 393 12.04 -0.38 4.18
CA GLN A 393 12.60 -1.63 3.72
C GLN A 393 13.57 -2.17 4.76
N GLY A 394 14.43 -1.31 5.29
CA GLY A 394 15.38 -1.71 6.31
C GLY A 394 14.74 -2.19 7.61
N LEU A 395 13.66 -1.52 8.05
CA LEU A 395 13.00 -1.86 9.31
C LEU A 395 12.33 -3.22 9.20
N THR A 396 11.86 -3.58 7.99
CA THR A 396 11.13 -4.83 7.79
C THR A 396 12.10 -5.94 7.40
N ASP A 397 12.65 -5.87 6.19
CA ASP A 397 13.44 -6.93 5.58
C ASP A 397 14.85 -7.05 6.18
N ASN A 398 15.34 -6.01 6.88
CA ASN A 398 16.64 -6.06 7.54
C ASN A 398 16.49 -5.80 9.04
N GLY A 399 15.25 -5.98 9.54
CA GLY A 399 14.90 -5.62 10.90
C GLY A 399 14.06 -6.70 11.57
N VAL A 400 12.74 -6.52 11.55
CA VAL A 400 11.89 -7.41 12.31
C VAL A 400 11.91 -8.84 11.78
N ILE A 401 12.23 -9.05 10.49
CA ILE A 401 12.37 -10.41 9.96
C ILE A 401 13.49 -11.17 10.70
N LEU A 402 14.53 -10.46 11.17
CA LEU A 402 15.59 -11.17 11.89
C LEU A 402 15.07 -11.85 13.15
N VAL A 403 13.97 -11.34 13.73
CA VAL A 403 13.44 -11.91 14.97
C VAL A 403 12.74 -13.24 14.68
N THR A 404 11.98 -13.33 13.58
CA THR A 404 11.38 -14.60 13.20
C THR A 404 12.46 -15.59 12.75
N GLN A 405 13.63 -15.08 12.36
CA GLN A 405 14.76 -15.92 12.00
C GLN A 405 15.56 -16.33 13.24
N GLY A 406 15.18 -15.84 14.44
CA GLY A 406 15.76 -16.32 15.69
C GLY A 406 16.79 -15.38 16.34
N LYS A 407 16.96 -14.16 15.81
CA LYS A 407 17.82 -13.16 16.43
C LYS A 407 17.09 -12.43 17.56
N SER A 408 17.84 -11.89 18.53
CA SER A 408 17.28 -11.01 19.55
C SER A 408 16.70 -9.73 18.91
N ALA A 409 15.74 -9.11 19.61
CA ALA A 409 15.14 -7.86 19.21
C ALA A 409 16.22 -6.77 19.13
N SER A 410 17.19 -6.79 20.06
CA SER A 410 18.25 -5.79 20.09
C SER A 410 19.19 -5.97 18.88
N ASP A 411 19.56 -7.23 18.54
CA ASP A 411 20.36 -7.47 17.35
C ASP A 411 19.62 -7.07 16.08
N ALA A 412 18.32 -7.36 16.03
CA ALA A 412 17.53 -7.02 14.87
C ALA A 412 17.50 -5.51 14.64
N TRP A 413 17.27 -4.76 15.71
CA TRP A 413 17.28 -3.30 15.63
C TRP A 413 18.64 -2.77 15.18
N LYS A 414 19.72 -3.26 15.78
CA LYS A 414 21.06 -2.81 15.41
C LYS A 414 21.33 -3.06 13.91
N ASN A 415 20.86 -4.22 13.42
CA ASN A 415 21.05 -4.57 12.02
C ASN A 415 20.27 -3.60 11.12
N ALA A 416 19.02 -3.31 11.48
CA ALA A 416 18.20 -2.36 10.73
C ALA A 416 18.88 -0.99 10.67
N VAL A 417 19.35 -0.49 11.82
CA VAL A 417 19.96 0.83 11.92
C VAL A 417 21.20 0.86 11.01
N LYS A 418 22.04 -0.17 11.10
CA LYS A 418 23.28 -0.20 10.31
C LYS A 418 22.93 -0.17 8.82
N THR A 419 21.92 -0.96 8.43
CA THR A 419 21.52 -1.09 7.05
C THR A 419 20.94 0.23 6.52
N ILE A 420 20.04 0.85 7.30
CA ILE A 420 19.37 2.08 6.88
C ILE A 420 20.39 3.22 6.81
N ASP A 421 21.21 3.35 7.85
CA ASP A 421 22.19 4.41 7.92
C ASP A 421 23.17 4.33 6.74
N ASN A 422 23.55 3.12 6.33
CA ASN A 422 24.41 2.97 5.16
C ASN A 422 23.73 3.48 3.88
N ALA A 423 22.44 3.19 3.74
CA ALA A 423 21.67 3.66 2.60
C ALA A 423 21.54 5.18 2.61
N LEU A 424 21.33 5.77 3.79
CA LEU A 424 21.07 7.20 3.93
C LEU A 424 22.35 8.00 3.76
N ASP A 425 23.49 7.38 4.10
CA ASP A 425 24.74 8.10 4.19
C ASP A 425 25.58 7.88 2.94
N LYS A 426 25.15 6.99 2.06
CA LYS A 426 25.92 6.72 0.84
C LYS A 426 24.96 6.11 -0.18
#